data_2X8X
#
_entry.id   2X8X
#
_cell.length_a   158.180
_cell.length_b   158.180
_cell.length_c   158.180
_cell.angle_alpha   90.00
_cell.angle_beta   90.00
_cell.angle_gamma   90.00
#
_symmetry.space_group_name_H-M   'I 4 3 2'
#
loop_
_entity.id
_entity.type
_entity.pdbx_description
1 polymer 'TLR1789 PROTEIN'
2 water water
#
_entity_poly.entity_id   1
_entity_poly.type   'polypeptide(L)'
_entity_poly.pdbx_seq_one_letter_code
;DEPKVLIAEVVVEGATPELEQLVYQVISTRPGSTTTRTQLQQDTNAIFATGFFADVNAVPRDTPLGVRITFVVRPYPVLR
AVQVAGNQVLTQEKVNEIFAPQIGRTLNLRELQAGIEKINTFYRDNGYILGQVVGTPQVDPDGVVTLQVAEGVVEQVTYR
FLNKEGEPTKQRTRDFVISREMDTQPGVVLNQKTVQADLRRLFELGLFEDVQVALEPGQNPRRVNLILNIKERNT
;
_entity_poly.pdbx_strand_id   X
#
# COMPACT_ATOMS: atom_id res chain seq x y z
N ASP A 1 -5.32 8.47 39.60
CA ASP A 1 -4.00 8.65 38.91
C ASP A 1 -2.84 8.63 39.93
N GLU A 2 -2.85 7.58 40.76
CA GLU A 2 -1.81 7.35 41.78
C GLU A 2 -1.14 6.04 41.36
N PRO A 3 0.10 5.76 41.83
CA PRO A 3 1.11 6.52 42.56
C PRO A 3 2.21 7.05 41.62
N LYS A 4 3.12 7.83 42.19
CA LYS A 4 4.16 8.59 41.51
C LYS A 4 5.54 8.09 41.99
N VAL A 5 6.55 8.00 41.13
CA VAL A 5 7.91 7.58 41.54
C VAL A 5 8.97 8.55 41.02
N LEU A 6 9.98 8.87 41.83
CA LEU A 6 11.12 9.68 41.38
C LEU A 6 12.24 8.90 40.67
N ILE A 7 12.68 9.37 39.50
CA ILE A 7 13.61 8.65 38.63
C ILE A 7 15.03 9.18 38.82
N ALA A 8 16.01 8.26 38.99
CA ALA A 8 17.44 8.63 39.09
C ALA A 8 18.24 8.60 37.78
N GLU A 9 17.93 7.63 36.89
CA GLU A 9 18.61 7.56 35.57
C GLU A 9 17.66 6.98 34.55
N VAL A 10 17.95 7.37 33.32
CA VAL A 10 17.19 6.90 32.19
C VAL A 10 18.25 6.32 31.27
N VAL A 11 18.08 5.06 30.87
CA VAL A 11 18.95 4.52 29.83
C VAL A 11 18.13 4.03 28.63
N VAL A 12 18.69 4.18 27.44
CA VAL A 12 18.10 3.59 26.23
C VAL A 12 18.97 2.41 25.78
N GLU A 13 18.37 1.21 25.67
CA GLU A 13 19.08 0.02 25.17
C GLU A 13 18.54 -0.48 23.82
N GLY A 14 19.46 -0.83 22.93
CA GLY A 14 19.11 -1.52 21.70
C GLY A 14 19.13 -0.63 20.50
N ALA A 15 19.43 0.66 20.69
CA ALA A 15 19.43 1.63 19.58
C ALA A 15 20.85 1.89 19.03
N THR A 16 20.96 2.24 17.76
CA THR A 16 22.26 2.69 17.24
C THR A 16 22.40 4.20 17.57
N PRO A 17 23.59 4.79 17.40
CA PRO A 17 23.75 6.13 17.99
C PRO A 17 22.79 7.17 17.39
N GLU A 18 22.72 7.20 16.06
CA GLU A 18 21.78 8.06 15.33
C GLU A 18 20.37 8.08 15.97
N LEU A 19 19.85 6.90 16.33
CA LEU A 19 18.49 6.76 16.87
C LEU A 19 18.36 7.02 18.35
N GLU A 20 19.46 6.87 19.07
CA GLU A 20 19.40 6.92 20.52
C GLU A 20 19.16 8.35 21.01
N GLN A 21 19.71 9.33 20.30
CA GLN A 21 19.37 10.73 20.62
C GLN A 21 17.86 10.99 20.37
N LEU A 22 17.33 10.41 19.29
CA LEU A 22 15.89 10.52 18.99
C LEU A 22 14.97 10.02 20.11
N VAL A 23 15.28 8.85 20.69
CA VAL A 23 14.57 8.29 21.81
C VAL A 23 14.58 9.28 22.99
N TYR A 24 15.76 9.81 23.31
CA TYR A 24 15.81 10.80 24.40
C TYR A 24 14.99 12.04 24.11
N GLN A 25 14.98 12.47 22.87
CA GLN A 25 14.27 13.67 22.40
C GLN A 25 12.75 13.47 22.58
N VAL A 26 12.22 12.27 22.37
CA VAL A 26 10.76 12.10 22.29
C VAL A 26 10.11 11.70 23.62
N ILE A 27 10.86 11.19 24.56
CA ILE A 27 10.27 10.79 25.86
C ILE A 27 10.23 11.99 26.79
N SER A 28 9.38 11.94 27.81
CA SER A 28 9.38 13.04 28.74
C SER A 28 10.09 12.65 30.03
N THR A 29 10.30 11.36 30.25
CA THR A 29 10.92 10.90 31.50
C THR A 29 12.43 11.19 31.47
N ARG A 30 12.86 11.95 32.47
CA ARG A 30 14.23 12.38 32.71
C ARG A 30 14.69 11.95 34.12
N PRO A 31 16.03 11.89 34.33
CA PRO A 31 16.58 11.81 35.69
C PRO A 31 16.14 13.05 36.43
N GLY A 32 15.57 12.85 37.62
CA GLY A 32 15.11 13.95 38.46
C GLY A 32 13.61 14.22 38.35
N SER A 33 12.95 13.51 37.44
CA SER A 33 11.53 13.73 37.18
C SER A 33 10.71 12.68 37.92
N THR A 34 9.48 13.04 38.28
CA THR A 34 8.50 12.13 38.89
C THR A 34 7.57 11.58 37.82
N THR A 35 7.42 10.26 37.73
CA THR A 35 6.56 9.66 36.73
C THR A 35 5.50 8.68 37.32
N THR A 36 4.46 8.37 36.54
CA THR A 36 3.56 7.25 36.83
C THR A 36 3.70 6.13 35.75
N ARG A 37 3.03 4.99 35.99
CA ARG A 37 2.90 3.90 34.98
C ARG A 37 2.37 4.42 33.62
N THR A 38 1.26 5.17 33.66
CA THR A 38 0.66 5.81 32.51
C THR A 38 1.63 6.62 31.69
N GLN A 39 2.42 7.48 32.33
CA GLN A 39 3.37 8.33 31.60
C GLN A 39 4.46 7.51 30.94
N LEU A 40 4.87 6.41 31.59
CA LEU A 40 5.90 5.57 31.02
C LEU A 40 5.33 4.91 29.76
N GLN A 41 4.11 4.40 29.88
CA GLN A 41 3.31 3.89 28.75
C GLN A 41 3.21 4.92 27.59
N GLN A 42 2.85 6.19 27.87
CA GLN A 42 2.88 7.26 26.87
C GLN A 42 4.23 7.46 26.26
N ASP A 43 5.33 7.40 27.06
CA ASP A 43 6.71 7.43 26.48
C ASP A 43 7.00 6.29 25.48
N THR A 44 6.57 5.07 25.78
CA THR A 44 6.77 3.98 24.83
C THR A 44 5.89 4.21 23.56
N ASN A 45 4.69 4.72 23.76
CA ASN A 45 3.87 5.13 22.58
C ASN A 45 4.58 6.16 21.71
N ALA A 46 5.13 7.21 22.32
CA ALA A 46 5.88 8.24 21.53
C ALA A 46 7.08 7.71 20.79
N ILE A 47 7.82 6.82 21.42
CA ILE A 47 8.94 6.20 20.73
C ILE A 47 8.46 5.32 19.60
N PHE A 48 7.41 4.55 19.85
CA PHE A 48 6.89 3.74 18.76
C PHE A 48 6.39 4.61 17.60
N ALA A 49 5.73 5.76 17.89
CA ALA A 49 5.20 6.62 16.84
C ALA A 49 6.28 7.19 15.93
N THR A 50 7.55 7.05 16.27
CA THR A 50 8.60 7.63 15.39
C THR A 50 8.71 6.78 14.12
N GLY A 51 8.30 5.50 14.20
CA GLY A 51 8.29 4.63 13.02
C GLY A 51 9.54 3.80 12.82
N PHE A 52 10.53 3.96 13.69
CA PHE A 52 11.79 3.19 13.56
C PHE A 52 11.85 1.87 14.31
N PHE A 53 10.84 1.54 15.11
CA PHE A 53 11.01 0.44 16.09
C PHE A 53 9.98 -0.64 15.96
N ALA A 54 10.45 -1.89 15.90
CA ALA A 54 9.53 -3.02 15.88
C ALA A 54 8.90 -3.27 17.25
N ASP A 55 9.57 -2.84 18.31
CA ASP A 55 9.18 -3.22 19.63
C ASP A 55 9.79 -2.21 20.59
N VAL A 56 9.03 -1.83 21.61
CA VAL A 56 9.44 -0.83 22.63
C VAL A 56 8.89 -1.34 23.99
N ASN A 57 9.78 -1.47 24.99
CA ASN A 57 9.37 -1.73 26.36
C ASN A 57 10.08 -0.77 27.35
N ALA A 58 9.36 -0.35 28.38
CA ALA A 58 9.93 0.47 29.47
C ALA A 58 10.12 -0.46 30.70
N VAL A 59 11.33 -0.51 31.26
CA VAL A 59 11.55 -1.44 32.35
C VAL A 59 12.22 -0.68 33.54
N PRO A 60 11.53 -0.61 34.69
CA PRO A 60 12.11 0.00 35.95
C PRO A 60 12.85 -0.97 36.84
N ARG A 61 14.09 -0.63 37.24
CA ARG A 61 14.88 -1.40 38.21
C ARG A 61 15.41 -0.49 39.31
N ASP A 62 15.73 -1.07 40.46
CA ASP A 62 16.35 -0.30 41.56
C ASP A 62 17.87 -0.32 41.45
N THR A 63 18.51 0.85 41.39
CA THR A 63 19.99 0.92 41.29
C THR A 63 20.55 1.59 42.54
N PRO A 64 21.89 1.62 42.68
CA PRO A 64 22.51 2.33 43.83
C PRO A 64 22.14 3.84 43.88
N LEU A 65 22.02 4.48 42.69
CA LEU A 65 21.44 5.83 42.52
C LEU A 65 19.94 6.02 42.92
N GLY A 66 19.12 4.99 42.76
CA GLY A 66 17.66 5.07 43.00
C GLY A 66 16.98 4.26 41.88
N VAL A 67 15.87 4.74 41.33
CA VAL A 67 15.22 4.07 40.16
C VAL A 67 15.81 4.41 38.75
N ARG A 68 16.17 3.35 38.00
CA ARG A 68 16.54 3.42 36.59
C ARG A 68 15.28 3.13 35.78
N ILE A 69 15.00 3.96 34.79
CA ILE A 69 14.12 3.51 33.68
C ILE A 69 15.00 3.11 32.51
N THR A 70 14.84 1.84 32.11
CA THR A 70 15.47 1.37 30.90
C THR A 70 14.37 1.24 29.80
N PHE A 71 14.56 2.00 28.73
CA PHE A 71 13.74 1.83 27.54
C PHE A 71 14.36 0.79 26.61
N VAL A 72 13.78 -0.39 26.51
CA VAL A 72 14.37 -1.40 25.60
C VAL A 72 13.67 -1.31 24.22
N VAL A 73 14.47 -1.10 23.19
CA VAL A 73 14.01 -0.76 21.89
C VAL A 73 14.64 -1.78 20.93
N ARG A 74 13.88 -2.19 19.89
CA ARG A 74 14.29 -3.17 18.87
C ARG A 74 13.92 -2.48 17.54
N PRO A 75 14.89 -1.82 16.93
CA PRO A 75 14.71 -1.11 15.71
C PRO A 75 14.36 -2.08 14.56
N TYR A 76 13.73 -1.56 13.53
CA TYR A 76 13.62 -2.32 12.30
C TYR A 76 15.07 -2.41 11.78
N PRO A 77 15.39 -3.39 10.90
CA PRO A 77 16.72 -3.58 10.32
C PRO A 77 17.07 -2.41 9.43
N VAL A 78 18.36 -2.26 9.12
CA VAL A 78 18.77 -1.32 8.07
C VAL A 78 18.17 -1.82 6.76
N LEU A 79 17.56 -0.92 6.01
CA LEU A 79 16.91 -1.31 4.77
C LEU A 79 17.92 -1.61 3.65
N ARG A 80 17.87 -2.81 3.09
CA ARG A 80 18.81 -3.18 2.01
C ARG A 80 18.18 -3.29 0.61
N ALA A 81 16.88 -3.54 0.54
CA ALA A 81 16.21 -3.71 -0.75
C ALA A 81 14.73 -3.72 -0.57
N VAL A 82 14.02 -3.30 -1.64
CA VAL A 82 12.55 -3.44 -1.60
C VAL A 82 12.24 -4.15 -2.91
N GLN A 83 11.49 -5.27 -2.84
CA GLN A 83 11.14 -6.10 -4.00
C GLN A 83 9.58 -6.23 -4.05
N VAL A 84 9.04 -6.46 -5.22
CA VAL A 84 7.59 -6.47 -5.30
C VAL A 84 7.16 -7.79 -5.99
N ALA A 85 6.00 -8.30 -5.58
CA ALA A 85 5.36 -9.42 -6.27
C ALA A 85 4.06 -8.95 -6.93
N GLY A 86 3.78 -9.46 -8.15
CA GLY A 86 2.48 -9.28 -8.80
C GLY A 86 2.49 -8.10 -9.73
N ASN A 87 3.67 -7.55 -9.94
CA ASN A 87 3.86 -6.37 -10.76
C ASN A 87 4.06 -6.67 -12.26
N GLN A 88 3.66 -5.75 -13.13
CA GLN A 88 3.82 -5.85 -14.60
C GLN A 88 4.17 -4.48 -15.12
N VAL A 89 3.23 -3.55 -15.08
CA VAL A 89 3.51 -2.19 -15.55
C VAL A 89 4.37 -1.38 -14.60
N LEU A 90 4.37 -1.73 -13.32
CA LEU A 90 5.39 -1.29 -12.35
C LEU A 90 6.58 -2.19 -12.42
N THR A 91 7.71 -1.65 -12.82
CA THR A 91 8.89 -2.51 -12.96
C THR A 91 9.65 -2.51 -11.64
N GLN A 92 10.35 -3.63 -11.37
CA GLN A 92 11.28 -3.69 -10.25
C GLN A 92 12.26 -2.50 -10.27
N GLU A 93 12.71 -2.05 -11.43
CA GLU A 93 13.61 -0.88 -11.48
C GLU A 93 12.97 0.43 -10.97
N LYS A 94 11.68 0.61 -11.28
CA LYS A 94 10.95 1.79 -10.77
C LYS A 94 10.80 1.73 -9.25
N VAL A 95 10.49 0.54 -8.73
CA VAL A 95 10.48 0.29 -7.28
C VAL A 95 11.82 0.64 -6.64
N ASN A 96 12.93 0.26 -7.29
CA ASN A 96 14.30 0.53 -6.76
C ASN A 96 14.55 2.02 -6.73
N GLU A 97 14.14 2.70 -7.79
CA GLU A 97 14.25 4.17 -7.81
C GLU A 97 13.39 4.88 -6.73
N ILE A 98 12.12 4.51 -6.57
CA ILE A 98 11.29 5.08 -5.47
C ILE A 98 11.91 4.97 -4.07
N PHE A 99 12.49 3.81 -3.79
CA PHE A 99 12.98 3.52 -2.48
C PHE A 99 14.49 3.78 -2.31
N ALA A 100 15.26 4.04 -3.38
CA ALA A 100 16.73 4.38 -3.26
C ALA A 100 17.11 5.32 -2.09
N PRO A 101 16.31 6.41 -1.81
CA PRO A 101 16.79 7.31 -0.74
C PRO A 101 16.82 6.68 0.67
N GLN A 102 16.07 5.59 0.82
CA GLN A 102 15.91 4.91 2.12
C GLN A 102 16.91 3.77 2.38
N ILE A 103 17.58 3.35 1.31
CA ILE A 103 18.40 2.10 1.39
C ILE A 103 19.67 2.47 2.17
N GLY A 104 20.11 1.64 3.15
CA GLY A 104 21.31 1.91 3.91
C GLY A 104 21.09 2.57 5.25
N ARG A 105 19.83 2.84 5.64
CA ARG A 105 19.60 3.31 7.02
C ARG A 105 18.47 2.54 7.57
N THR A 106 18.28 2.62 8.87
CA THR A 106 17.26 1.87 9.54
C THR A 106 15.93 2.13 8.79
N LEU A 107 15.16 1.07 8.59
CA LEU A 107 13.87 1.24 7.91
C LEU A 107 12.93 2.00 8.85
N ASN A 108 12.18 2.93 8.28
CA ASN A 108 11.17 3.67 8.98
C ASN A 108 9.82 3.38 8.30
N LEU A 109 8.86 2.86 9.05
CA LEU A 109 7.59 2.49 8.43
C LEU A 109 6.77 3.67 7.95
N ARG A 110 6.91 4.85 8.54
CA ARG A 110 6.27 6.04 7.94
C ARG A 110 6.87 6.38 6.55
N GLU A 111 8.19 6.39 6.43
CA GLU A 111 8.83 6.58 5.13
C GLU A 111 8.49 5.45 4.12
N LEU A 112 8.46 4.23 4.56
CA LEU A 112 7.97 3.14 3.71
C LEU A 112 6.59 3.40 3.20
N GLN A 113 5.67 3.85 4.05
CA GLN A 113 4.31 4.17 3.63
C GLN A 113 4.32 5.36 2.62
N ALA A 114 5.19 6.33 2.80
CA ALA A 114 5.31 7.37 1.77
C ALA A 114 5.77 6.76 0.41
N GLY A 115 6.73 5.82 0.41
CA GLY A 115 7.02 5.13 -0.85
C GLY A 115 5.88 4.32 -1.43
N ILE A 116 5.11 3.65 -0.59
CA ILE A 116 3.95 2.90 -1.02
C ILE A 116 3.00 3.89 -1.66
N GLU A 117 2.89 5.08 -1.08
CA GLU A 117 2.03 6.11 -1.72
C GLU A 117 2.57 6.59 -3.08
N LYS A 118 3.88 6.63 -3.25
CA LYS A 118 4.46 6.91 -4.58
C LYS A 118 4.11 5.83 -5.57
N ILE A 119 4.07 4.59 -5.13
CA ILE A 119 3.70 3.52 -6.10
C ILE A 119 2.21 3.71 -6.54
N ASN A 120 1.32 3.95 -5.59
CA ASN A 120 -0.14 4.07 -5.89
C ASN A 120 -0.36 5.30 -6.74
N THR A 121 0.47 6.33 -6.54
CA THR A 121 0.41 7.51 -7.40
C THR A 121 0.92 7.19 -8.81
N PHE A 122 1.99 6.41 -8.93
CA PHE A 122 2.40 5.97 -10.26
C PHE A 122 1.23 5.27 -11.00
N TYR A 123 0.55 4.33 -10.37
CA TYR A 123 -0.62 3.73 -11.06
C TYR A 123 -1.67 4.78 -11.45
N ARG A 124 -2.07 5.58 -10.49
CA ARG A 124 -3.21 6.47 -10.69
C ARG A 124 -2.94 7.52 -11.72
N ASP A 125 -1.72 8.04 -11.75
CA ASP A 125 -1.38 9.14 -12.67
C ASP A 125 -1.18 8.62 -14.10
N ASN A 126 -0.80 7.36 -14.26
CA ASN A 126 -0.58 6.77 -15.57
C ASN A 126 -1.86 6.13 -16.13
N GLY A 127 -2.96 6.25 -15.38
CA GLY A 127 -4.27 5.78 -15.84
C GLY A 127 -4.65 4.35 -15.42
N TYR A 128 -3.77 3.66 -14.67
CA TYR A 128 -4.08 2.29 -14.21
C TYR A 128 -4.93 2.43 -12.97
N ILE A 129 -6.18 2.76 -13.21
CA ILE A 129 -7.10 3.15 -12.13
C ILE A 129 -7.27 2.18 -10.99
N LEU A 130 -7.10 0.88 -11.24
CA LEU A 130 -7.31 -0.13 -10.17
C LEU A 130 -6.02 -0.44 -9.39
N GLY A 131 -4.88 -0.05 -9.92
CA GLY A 131 -3.61 -0.56 -9.41
C GLY A 131 -3.26 -0.05 -8.03
N GLN A 132 -2.71 -0.90 -7.14
CA GLN A 132 -2.34 -0.33 -5.81
C GLN A 132 -1.54 -1.42 -5.13
N VAL A 133 -0.80 -1.04 -4.08
CA VAL A 133 -0.11 -1.96 -3.18
C VAL A 133 -1.17 -2.61 -2.34
N VAL A 134 -1.06 -3.91 -2.07
CA VAL A 134 -2.00 -4.64 -1.25
C VAL A 134 -1.28 -5.41 -0.16
N GLY A 135 -1.98 -5.60 0.96
CA GLY A 135 -1.42 -6.41 2.04
C GLY A 135 -0.53 -5.58 2.93
N THR A 136 0.12 -6.27 3.86
CA THR A 136 1.03 -5.67 4.80
C THR A 136 2.46 -5.95 4.31
N PRO A 137 3.34 -4.90 4.28
CA PRO A 137 4.73 -5.13 3.88
C PRO A 137 5.37 -6.23 4.74
N GLN A 138 6.11 -7.12 4.11
CA GLN A 138 6.91 -8.07 4.81
C GLN A 138 8.33 -7.53 4.96
N VAL A 139 8.74 -7.40 6.20
CA VAL A 139 10.08 -6.91 6.55
C VAL A 139 10.92 -8.10 7.06
N ASP A 140 11.90 -8.59 6.29
CA ASP A 140 12.68 -9.75 6.75
C ASP A 140 13.81 -9.23 7.59
N PRO A 141 14.32 -10.07 8.51
CA PRO A 141 15.37 -9.56 9.44
C PRO A 141 16.69 -9.17 8.75
N ASP A 142 16.94 -9.64 7.54
CA ASP A 142 18.14 -9.20 6.81
C ASP A 142 17.98 -7.84 6.04
N GLY A 143 16.81 -7.17 6.14
CA GLY A 143 16.66 -5.77 5.66
C GLY A 143 16.03 -5.72 4.28
N VAL A 144 15.55 -6.87 3.81
CA VAL A 144 14.82 -6.93 2.53
C VAL A 144 13.32 -6.87 2.78
N VAL A 145 12.65 -5.90 2.16
CA VAL A 145 11.21 -5.68 2.29
C VAL A 145 10.49 -6.18 0.99
N THR A 146 9.44 -6.95 1.20
CA THR A 146 8.60 -7.45 0.09
C THR A 146 7.20 -6.85 0.18
N LEU A 147 6.80 -6.25 -0.92
CA LEU A 147 5.47 -5.70 -1.17
C LEU A 147 4.72 -6.51 -2.27
N GLN A 148 3.39 -6.43 -2.26
CA GLN A 148 2.53 -6.99 -3.29
C GLN A 148 1.82 -5.86 -3.91
N VAL A 149 1.64 -5.90 -5.24
CA VAL A 149 0.67 -5.03 -5.92
C VAL A 149 -0.39 -5.89 -6.64
N ALA A 150 -1.57 -5.30 -6.79
CA ALA A 150 -2.62 -5.80 -7.67
C ALA A 150 -2.84 -4.65 -8.61
N GLU A 151 -2.42 -4.83 -9.86
CA GLU A 151 -2.37 -3.75 -10.81
C GLU A 151 -3.69 -3.57 -11.54
N GLY A 152 -4.55 -4.60 -11.52
CA GLY A 152 -5.85 -4.53 -12.24
C GLY A 152 -5.78 -5.28 -13.57
N VAL A 153 -5.20 -6.47 -13.58
CA VAL A 153 -5.11 -7.33 -14.78
C VAL A 153 -6.52 -7.80 -15.23
N VAL A 154 -6.74 -7.66 -16.54
CA VAL A 154 -7.96 -8.11 -17.23
C VAL A 154 -7.82 -9.61 -17.52
N GLU A 155 -8.60 -10.39 -16.79
CA GLU A 155 -8.68 -11.84 -16.94
C GLU A 155 -9.57 -12.16 -18.18
N GLN A 156 -10.79 -11.60 -18.24
CA GLN A 156 -11.59 -11.72 -19.45
C GLN A 156 -12.36 -10.47 -19.79
N VAL A 157 -12.90 -10.48 -20.98
CA VAL A 157 -13.81 -9.41 -21.37
C VAL A 157 -15.06 -10.10 -21.89
N THR A 158 -16.22 -9.70 -21.32
CA THR A 158 -17.51 -10.37 -21.49
C THR A 158 -18.45 -9.35 -22.08
N TYR A 159 -19.09 -9.69 -23.21
CA TYR A 159 -20.17 -8.86 -23.76
C TYR A 159 -21.54 -9.31 -23.26
N ARG A 160 -22.36 -8.38 -22.76
CA ARG A 160 -23.73 -8.77 -22.43
C ARG A 160 -24.70 -7.87 -23.24
N PHE A 161 -25.47 -8.48 -24.12
CA PHE A 161 -26.43 -7.73 -24.92
C PHE A 161 -27.77 -7.55 -24.23
N LEU A 162 -28.33 -6.35 -24.28
CA LEU A 162 -29.51 -6.04 -23.46
C LEU A 162 -30.49 -5.28 -24.29
N ASN A 163 -31.80 -5.53 -24.10
CA ASN A 163 -32.85 -4.80 -24.85
C ASN A 163 -33.03 -3.45 -24.19
N LYS A 164 -33.97 -2.63 -24.66
CA LYS A 164 -34.25 -1.33 -23.97
C LYS A 164 -34.50 -1.46 -22.44
N GLU A 165 -35.36 -2.39 -22.01
CA GLU A 165 -35.60 -2.50 -20.55
C GLU A 165 -34.34 -2.83 -19.68
N GLY A 166 -33.31 -3.40 -20.29
CA GLY A 166 -32.08 -3.77 -19.55
C GLY A 166 -32.01 -5.29 -19.32
N GLU A 167 -32.94 -6.03 -19.92
CA GLU A 167 -32.95 -7.51 -19.90
C GLU A 167 -32.15 -8.13 -21.06
N PRO A 168 -31.67 -9.37 -20.87
CA PRO A 168 -30.88 -10.03 -21.92
C PRO A 168 -31.62 -10.15 -23.23
N THR A 169 -30.89 -9.95 -24.32
CA THR A 169 -31.52 -10.02 -25.66
C THR A 169 -30.57 -10.68 -26.65
N LYS A 170 -31.08 -11.23 -27.75
CA LYS A 170 -30.21 -11.95 -28.71
C LYS A 170 -29.24 -10.95 -29.33
N GLN A 171 -27.96 -11.33 -29.30
CA GLN A 171 -26.85 -10.60 -29.98
C GLN A 171 -27.02 -10.61 -31.50
N ARG A 172 -26.87 -9.46 -32.16
CA ARG A 172 -26.84 -9.41 -33.65
C ARG A 172 -25.41 -9.24 -34.23
N THR A 173 -24.63 -8.30 -33.69
CA THR A 173 -23.27 -8.04 -34.23
C THR A 173 -22.28 -9.19 -33.83
N ARG A 174 -21.36 -9.53 -34.72
CA ARG A 174 -20.34 -10.55 -34.38
C ARG A 174 -19.31 -10.02 -33.38
N ASP A 175 -18.78 -10.93 -32.57
CA ASP A 175 -17.75 -10.61 -31.57
C ASP A 175 -16.53 -9.91 -32.18
N PHE A 176 -16.04 -10.36 -33.34
CA PHE A 176 -14.82 -9.72 -33.88
C PHE A 176 -14.98 -8.22 -34.12
N VAL A 177 -16.20 -7.81 -34.48
CA VAL A 177 -16.51 -6.40 -34.82
C VAL A 177 -16.19 -5.51 -33.66
N ILE A 178 -16.53 -6.00 -32.46
CA ILE A 178 -16.28 -5.27 -31.23
C ILE A 178 -14.82 -5.45 -30.80
N SER A 179 -14.37 -6.69 -30.77
CA SER A 179 -13.04 -6.99 -30.24
C SER A 179 -11.94 -6.22 -31.03
N ARG A 180 -12.11 -6.08 -32.33
CA ARG A 180 -11.06 -5.45 -33.14
C ARG A 180 -10.95 -3.95 -32.95
N GLU A 181 -11.93 -3.36 -32.27
CA GLU A 181 -11.83 -1.95 -31.93
C GLU A 181 -11.16 -1.70 -30.60
N MET A 182 -10.94 -2.78 -29.83
CA MET A 182 -10.53 -2.64 -28.44
C MET A 182 -9.08 -3.02 -28.19
N ASP A 183 -8.34 -2.10 -27.60
CA ASP A 183 -7.02 -2.41 -26.99
C ASP A 183 -7.10 -3.09 -25.62
N THR A 184 -8.17 -2.82 -24.87
CA THR A 184 -8.41 -3.57 -23.63
C THR A 184 -8.76 -5.02 -23.98
N GLN A 185 -7.86 -5.98 -23.67
CA GLN A 185 -8.00 -7.42 -24.08
C GLN A 185 -7.56 -8.26 -22.87
N PRO A 186 -7.97 -9.54 -22.78
CA PRO A 186 -7.41 -10.34 -21.67
C PRO A 186 -5.87 -10.27 -21.58
N GLY A 187 -5.36 -10.20 -20.33
CA GLY A 187 -3.95 -10.01 -20.04
C GLY A 187 -3.40 -8.60 -19.95
N VAL A 188 -4.13 -7.55 -20.37
CA VAL A 188 -3.59 -6.19 -20.23
C VAL A 188 -3.99 -5.74 -18.82
N VAL A 189 -3.30 -4.74 -18.29
CA VAL A 189 -3.68 -4.10 -17.04
C VAL A 189 -4.68 -2.99 -17.42
N LEU A 190 -5.85 -3.03 -16.82
CA LEU A 190 -6.92 -2.03 -17.09
C LEU A 190 -6.44 -0.57 -16.99
N ASN A 191 -6.67 0.21 -18.06
CA ASN A 191 -6.27 1.60 -18.04
C ASN A 191 -7.42 2.45 -18.51
N GLN A 192 -7.75 3.48 -17.74
CA GLN A 192 -9.02 4.21 -17.95
C GLN A 192 -8.98 5.03 -19.24
N LYS A 193 -7.75 5.36 -19.68
CA LYS A 193 -7.48 6.08 -20.93
C LYS A 193 -7.79 5.19 -22.12
N THR A 194 -7.31 3.95 -22.03
CA THR A 194 -7.55 2.95 -23.09
C THR A 194 -9.01 2.55 -23.14
N VAL A 195 -9.65 2.33 -21.98
CA VAL A 195 -11.10 2.08 -21.97
C VAL A 195 -11.94 3.18 -22.68
N GLN A 196 -11.63 4.43 -22.36
CA GLN A 196 -12.22 5.60 -23.00
C GLN A 196 -12.09 5.58 -24.47
N ALA A 197 -10.84 5.43 -24.93
CA ALA A 197 -10.51 5.36 -26.33
C ALA A 197 -11.27 4.24 -27.05
N ASP A 198 -11.36 3.13 -26.36
CA ASP A 198 -12.04 1.95 -26.90
C ASP A 198 -13.53 2.28 -27.07
N LEU A 199 -14.14 2.91 -26.06
CA LEU A 199 -15.57 3.21 -26.10
C LEU A 199 -15.92 4.25 -27.23
N ARG A 200 -15.02 5.22 -27.44
CA ARG A 200 -15.07 6.15 -28.57
C ARG A 200 -14.99 5.44 -29.92
N ARG A 201 -14.13 4.43 -30.03
CA ARG A 201 -14.10 3.64 -31.27
C ARG A 201 -15.36 2.84 -31.43
N LEU A 202 -15.89 2.31 -30.32
CA LEU A 202 -17.17 1.57 -30.43
C LEU A 202 -18.29 2.55 -30.86
N PHE A 203 -18.26 3.77 -30.36
CA PHE A 203 -19.28 4.80 -30.77
C PHE A 203 -19.18 5.11 -32.24
N GLU A 204 -17.96 5.20 -32.75
CA GLU A 204 -17.72 5.64 -34.15
C GLU A 204 -18.24 4.56 -35.12
N LEU A 205 -18.56 3.37 -34.64
CA LEU A 205 -19.14 2.31 -35.55
C LEU A 205 -20.63 2.58 -35.89
N GLY A 206 -21.36 3.19 -34.96
CA GLY A 206 -22.72 3.65 -35.29
C GLY A 206 -23.77 2.56 -35.05
N LEU A 207 -23.40 1.55 -34.26
CA LEU A 207 -24.14 0.29 -34.12
C LEU A 207 -24.90 0.19 -32.82
N PHE A 208 -24.45 0.93 -31.79
CA PHE A 208 -24.92 0.77 -30.40
C PHE A 208 -25.57 2.01 -29.84
N GLU A 209 -26.70 1.80 -29.18
CA GLU A 209 -27.38 2.87 -28.53
C GLU A 209 -26.69 3.24 -27.22
N ASP A 210 -26.07 2.25 -26.57
CA ASP A 210 -25.43 2.51 -25.29
C ASP A 210 -24.39 1.44 -25.14
N VAL A 211 -23.28 1.80 -24.56
CA VAL A 211 -22.34 0.80 -24.08
C VAL A 211 -21.94 1.19 -22.68
N GLN A 212 -22.15 0.36 -21.66
CA GLN A 212 -21.68 0.68 -20.33
C GLN A 212 -20.64 -0.33 -19.85
N VAL A 213 -19.62 0.15 -19.15
CA VAL A 213 -18.54 -0.73 -18.69
C VAL A 213 -18.81 -1.09 -17.24
N ALA A 214 -18.71 -2.35 -16.84
CA ALA A 214 -18.82 -2.70 -15.41
C ALA A 214 -17.68 -3.67 -15.13
N LEU A 215 -17.21 -3.72 -13.88
CA LEU A 215 -16.12 -4.64 -13.47
C LEU A 215 -16.61 -5.68 -12.50
N GLU A 216 -16.26 -6.94 -12.67
CA GLU A 216 -16.49 -7.95 -11.65
C GLU A 216 -15.16 -8.61 -11.26
N PRO A 217 -15.06 -9.10 -10.01
CA PRO A 217 -13.75 -9.69 -9.60
C PRO A 217 -13.47 -10.96 -10.43
N GLY A 218 -12.26 -11.13 -10.95
CA GLY A 218 -11.91 -12.42 -11.61
C GLY A 218 -11.96 -13.68 -10.71
N GLN A 219 -11.60 -14.80 -11.32
CA GLN A 219 -11.27 -16.03 -10.55
C GLN A 219 -10.11 -15.85 -9.53
N ASN A 220 -9.01 -15.29 -10.03
CA ASN A 220 -8.08 -14.55 -9.16
C ASN A 220 -8.78 -13.21 -8.75
N PRO A 221 -9.21 -13.07 -7.48
CA PRO A 221 -10.04 -11.93 -7.04
C PRO A 221 -9.29 -10.57 -7.05
N ARG A 222 -8.01 -10.62 -7.38
CA ARG A 222 -7.15 -9.44 -7.52
C ARG A 222 -7.18 -8.95 -8.96
N ARG A 223 -7.76 -9.78 -9.83
CA ARG A 223 -7.93 -9.46 -11.26
C ARG A 223 -9.37 -9.11 -11.62
N VAL A 224 -9.60 -8.66 -12.87
CA VAL A 224 -11.01 -8.30 -13.23
C VAL A 224 -11.54 -8.95 -14.47
N ASN A 225 -12.86 -9.14 -14.42
CA ASN A 225 -13.68 -9.49 -15.56
C ASN A 225 -14.31 -8.15 -16.07
N LEU A 226 -13.90 -7.72 -17.26
CA LEU A 226 -14.46 -6.46 -17.80
C LEU A 226 -15.80 -6.76 -18.55
N ILE A 227 -16.88 -6.13 -18.10
CA ILE A 227 -18.20 -6.44 -18.68
C ILE A 227 -18.56 -5.23 -19.51
N LEU A 228 -18.93 -5.47 -20.77
CA LEU A 228 -19.53 -4.43 -21.61
C LEU A 228 -21.04 -4.74 -21.71
N ASN A 229 -21.90 -3.82 -21.23
CA ASN A 229 -23.32 -3.99 -21.27
C ASN A 229 -23.73 -3.15 -22.47
N ILE A 230 -24.26 -3.84 -23.48
CA ILE A 230 -24.42 -3.25 -24.78
C ILE A 230 -25.83 -3.31 -25.21
N LYS A 231 -26.39 -2.15 -25.62
CA LYS A 231 -27.71 -2.07 -26.25
C LYS A 231 -27.53 -1.68 -27.71
N GLU A 232 -27.80 -2.64 -28.62
CA GLU A 232 -27.67 -2.47 -30.08
C GLU A 232 -28.88 -1.71 -30.62
N ARG A 233 -28.71 -0.97 -31.71
CA ARG A 233 -29.83 -0.23 -32.35
C ARG A 233 -30.67 -1.28 -33.02
N ASN A 234 -31.98 -1.27 -32.84
CA ASN A 234 -32.79 -2.35 -33.46
C ASN A 234 -32.70 -2.40 -35.01
N THR A 235 -33.35 -3.41 -35.59
CA THR A 235 -33.75 -3.42 -37.01
C THR A 235 -33.72 -2.02 -37.70
#